data_9I4H
#
_entry.id   9I4H
#
_cell.length_a   86.028
_cell.length_b   86.028
_cell.length_c   147.495
_cell.angle_alpha   90.00
_cell.angle_beta   90.00
_cell.angle_gamma   90.00
#
_symmetry.space_group_name_H-M   'P 41 21 2'
#
loop_
_entity.id
_entity.type
_entity.pdbx_description
1 polymer 'Hypoxia-inducible factor 1-alpha inhibitor'
2 non-polymer 'MANGANESE (II) ION'
3 non-polymer '2-[[5-[3-[4-(hydroxymethyl)-3-nitro-phenyl]-1,2-oxazol-5-yl]-3-oxidanyl-pyridin-2-yl]carbonylamino]ethanoic acid'
4 water water
#
_entity_poly.entity_id   1
_entity_poly.type   'polypeptide(L)'
_entity_poly.pdbx_seq_one_letter_code
;SMAATAAEAVASGSGEPREEAGALGPAWDESQLRSYSFPTRPIPRLSQSDPRAEELIENEEPVVLTDTNLVYPALKWDLE
YLQENIGNGDFSVYSASTHKFLYYDEKKMANFQNFKPRSNREEMKFHEFVEKLQDIQQRGGEERLYLQQTLNDTVGRKIV
MDFLGFNWNWINKQQGKRGWGQLTSNLLLIGMEGNVTPAHYDEQQNFFAQIKGYKRCILFPPDQFECLYPYPVHHPCDRQ
SQVDFDNPDYERFPNFQNVVGYETVVGPGDVLYIPMYWWHHIESLLNGGITITVNFWYKGAPTPKRIEYPLKAHQKVAIM
RNIEKMLGEALGNPQEVGPLLNTMIKGRYN
;
_entity_poly.pdbx_strand_id   A
#
loop_
_chem_comp.id
_chem_comp.type
_chem_comp.name
_chem_comp.formula
A1IZ5 non-polymer '2-[[5-[3-[4-(hydroxymethyl)-3-nitro-phenyl]-1,2-oxazol-5-yl]-3-oxidanyl-pyridin-2-yl]carbonylamino]ethanoic acid' 'C18 H14 N4 O8 2'
MN non-polymer 'MANGANESE (II) ION' 'Mn 2'
#
# COMPACT_ATOMS: atom_id res chain seq x y z
N GLU A 16 -1.03 9.00 -20.24
CA GLU A 16 -2.13 9.87 -20.67
C GLU A 16 -2.42 10.93 -19.59
N PRO A 17 -1.47 11.85 -19.40
CA PRO A 17 -1.54 12.76 -18.24
C PRO A 17 -2.73 13.70 -18.34
N ARG A 18 -3.49 13.78 -17.24
CA ARG A 18 -4.62 14.70 -17.20
C ARG A 18 -4.13 16.15 -17.12
N GLU A 19 -4.99 17.05 -17.58
CA GLU A 19 -4.69 18.48 -17.57
C GLU A 19 -5.32 19.11 -16.33
N GLU A 20 -4.52 19.85 -15.57
CA GLU A 20 -5.04 20.58 -14.44
C GLU A 20 -5.93 21.73 -14.92
N ALA A 21 -6.96 22.02 -14.13
CA ALA A 21 -7.90 23.07 -14.48
C ALA A 21 -7.21 24.43 -14.50
N GLY A 22 -7.77 25.35 -15.27
CA GLY A 22 -7.21 26.68 -15.37
C GLY A 22 -5.96 26.76 -16.21
N ALA A 23 -5.75 25.78 -17.10
CA ALA A 23 -4.64 25.81 -18.07
C ALA A 23 -3.27 25.76 -17.39
N LEU A 24 -3.19 25.14 -16.21
CA LEU A 24 -1.96 25.07 -15.46
C LEU A 24 -0.98 24.03 -16.01
N GLY A 25 -1.30 23.39 -17.12
CA GLY A 25 -0.41 22.45 -17.76
C GLY A 25 -0.71 21.02 -17.34
N PRO A 26 0.04 20.07 -17.90
CA PRO A 26 -0.16 18.66 -17.52
C PRO A 26 0.27 18.43 -16.08
N ALA A 27 -0.50 17.59 -15.38
CA ALA A 27 -0.22 17.32 -13.98
C ALA A 27 1.11 16.59 -13.79
N TRP A 28 1.49 15.76 -14.76
CA TRP A 28 2.77 15.04 -14.69
C TRP A 28 3.18 14.70 -16.11
N ASP A 29 4.45 14.31 -16.27
CA ASP A 29 4.95 13.80 -17.53
C ASP A 29 5.54 12.41 -17.31
N GLU A 30 5.60 11.64 -18.40
CA GLU A 30 5.99 10.23 -18.29
C GLU A 30 7.41 10.05 -17.76
N SER A 31 8.29 11.04 -17.90
CA SER A 31 9.64 10.91 -17.39
C SER A 31 9.70 10.87 -15.87
N GLN A 32 8.58 11.16 -15.19
CA GLN A 32 8.49 11.01 -13.75
C GLN A 32 8.12 9.61 -13.32
N LEU A 33 7.79 8.73 -14.27
CA LEU A 33 7.38 7.36 -13.97
C LEU A 33 8.57 6.43 -14.20
N ARG A 34 8.85 5.57 -13.21
CA ARG A 34 9.93 4.61 -13.35
C ARG A 34 9.58 3.59 -14.44
N SER A 35 10.62 2.94 -14.96
CA SER A 35 10.47 1.98 -16.05
C SER A 35 10.53 0.56 -15.51
N TYR A 36 9.58 -0.28 -15.94
CA TYR A 36 9.48 -1.66 -15.50
C TYR A 36 9.28 -2.57 -16.71
N SER A 37 9.40 -3.88 -16.46
CA SER A 37 9.41 -4.87 -17.52
C SER A 37 8.03 -5.37 -17.94
N PHE A 38 7.00 -5.06 -17.16
CA PHE A 38 5.70 -5.68 -17.40
C PHE A 38 4.72 -4.69 -18.02
N PRO A 39 3.74 -5.18 -18.76
CA PRO A 39 2.69 -4.28 -19.28
C PRO A 39 1.61 -4.02 -18.24
N THR A 40 0.88 -2.93 -18.46
CA THR A 40 -0.22 -2.52 -17.60
C THR A 40 -1.36 -1.98 -18.44
N ARG A 41 -2.53 -1.90 -17.83
CA ARG A 41 -3.71 -1.27 -18.38
C ARG A 41 -4.33 -0.39 -17.30
N PRO A 42 -5.14 0.60 -17.69
CA PRO A 42 -5.55 1.62 -16.72
C PRO A 42 -6.70 1.20 -15.82
N ILE A 43 -6.63 1.63 -14.57
CA ILE A 43 -7.76 1.49 -13.64
C ILE A 43 -8.80 2.55 -14.01
N PRO A 44 -10.09 2.19 -14.05
CA PRO A 44 -11.11 3.17 -14.41
C PRO A 44 -11.19 4.31 -13.40
N ARG A 45 -11.31 5.53 -13.92
CA ARG A 45 -11.55 6.74 -13.14
C ARG A 45 -13.02 7.12 -13.31
N LEU A 46 -13.78 7.11 -12.22
CA LEU A 46 -15.23 7.25 -12.32
C LEU A 46 -15.74 8.15 -11.20
N SER A 47 -16.98 8.61 -11.38
CA SER A 47 -17.71 9.30 -10.32
C SER A 47 -18.26 8.29 -9.33
N GLN A 48 -18.33 8.69 -8.06
CA GLN A 48 -18.93 7.85 -7.04
C GLN A 48 -20.42 7.64 -7.26
N SER A 49 -21.06 8.50 -8.05
CA SER A 49 -22.46 8.30 -8.42
C SER A 49 -22.64 7.37 -9.61
N ASP A 50 -21.56 6.97 -10.27
CA ASP A 50 -21.65 6.08 -11.42
C ASP A 50 -21.89 4.65 -10.94
N PRO A 51 -22.94 3.98 -11.41
CA PRO A 51 -23.16 2.58 -10.99
C PRO A 51 -21.97 1.67 -11.29
N ARG A 52 -21.19 1.95 -12.33
CA ARG A 52 -20.03 1.13 -12.65
C ARG A 52 -19.02 1.11 -11.50
N ALA A 53 -18.86 2.25 -10.81
CA ALA A 53 -17.94 2.28 -9.68
C ALA A 53 -18.40 1.36 -8.56
N GLU A 54 -19.70 1.39 -8.26
CA GLU A 54 -20.25 0.50 -7.24
C GLU A 54 -20.10 -0.95 -7.64
N GLU A 55 -20.32 -1.25 -8.93
CA GLU A 55 -20.17 -2.61 -9.42
C GLU A 55 -18.73 -3.10 -9.28
N LEU A 56 -17.76 -2.23 -9.55
CA LEU A 56 -16.36 -2.60 -9.38
C LEU A 56 -16.03 -2.89 -7.92
N ILE A 57 -16.44 -2.00 -7.01
CA ILE A 57 -16.16 -2.22 -5.60
C ILE A 57 -16.82 -3.50 -5.11
N GLU A 58 -18.09 -3.71 -5.49
CA GLU A 58 -18.81 -4.91 -5.08
C GLU A 58 -18.16 -6.18 -5.62
N ASN A 59 -17.54 -6.11 -6.79
CA ASN A 59 -16.88 -7.25 -7.40
C ASN A 59 -15.41 -7.37 -7.01
N GLU A 60 -14.95 -6.60 -6.02
CA GLU A 60 -13.58 -6.68 -5.52
C GLU A 60 -12.55 -6.33 -6.60
N GLU A 61 -12.84 -5.26 -7.35
CA GLU A 61 -11.92 -4.78 -8.37
C GLU A 61 -11.63 -3.31 -8.14
N PRO A 62 -10.42 -2.85 -8.48
CA PRO A 62 -10.04 -1.48 -8.14
C PRO A 62 -10.78 -0.45 -8.97
N VAL A 63 -10.96 0.73 -8.39
CA VAL A 63 -11.53 1.86 -9.11
C VAL A 63 -10.99 3.15 -8.47
N VAL A 64 -10.78 4.16 -9.29
CA VAL A 64 -10.43 5.49 -8.81
C VAL A 64 -11.69 6.34 -8.85
N LEU A 65 -12.14 6.79 -7.69
CA LEU A 65 -13.28 7.69 -7.57
C LEU A 65 -12.77 9.12 -7.48
N THR A 66 -13.30 9.98 -8.33
CA THR A 66 -12.74 11.33 -8.49
C THR A 66 -13.42 12.39 -7.65
N ASP A 67 -14.60 12.10 -7.07
CA ASP A 67 -15.43 13.14 -6.47
C ASP A 67 -16.07 12.67 -5.16
N THR A 68 -15.34 11.90 -4.35
CA THR A 68 -15.92 11.49 -3.08
C THR A 68 -15.91 12.62 -2.05
N ASN A 69 -14.98 13.56 -2.16
CA ASN A 69 -14.71 14.55 -1.11
C ASN A 69 -14.34 13.89 0.21
N LEU A 70 -13.77 12.67 0.11
CA LEU A 70 -13.49 11.89 1.31
C LEU A 70 -12.56 12.63 2.25
N VAL A 71 -11.50 13.24 1.72
CA VAL A 71 -10.56 13.95 2.58
C VAL A 71 -10.52 15.43 2.21
N TYR A 72 -11.65 15.97 1.75
CA TYR A 72 -11.70 17.35 1.28
C TYR A 72 -11.04 18.36 2.21
N PRO A 73 -11.32 18.39 3.52
CA PRO A 73 -10.68 19.41 4.37
C PRO A 73 -9.17 19.28 4.46
N ALA A 74 -8.61 18.12 4.12
CA ALA A 74 -7.17 17.93 4.17
C ALA A 74 -6.46 18.37 2.90
N LEU A 75 -7.21 18.80 1.88
CA LEU A 75 -6.57 19.20 0.63
C LEU A 75 -5.68 20.43 0.82
N LYS A 76 -5.92 21.22 1.87
CA LYS A 76 -5.05 22.35 2.18
C LYS A 76 -3.79 21.94 2.94
N TRP A 77 -3.66 20.68 3.33
CA TRP A 77 -2.52 20.26 4.13
C TRP A 77 -1.22 20.37 3.35
N ASP A 78 -0.19 20.88 4.02
CA ASP A 78 1.19 20.84 3.56
C ASP A 78 2.07 20.76 4.80
N LEU A 79 3.39 20.81 4.60
CA LEU A 79 4.29 20.67 5.74
C LEU A 79 4.17 21.83 6.73
N GLU A 80 4.03 23.05 6.22
CA GLU A 80 3.90 24.20 7.10
C GLU A 80 2.62 24.13 7.93
N TYR A 81 1.48 23.90 7.27
CA TYR A 81 0.21 23.82 7.99
C TYR A 81 0.22 22.68 8.99
N LEU A 82 0.73 21.52 8.59
CA LEU A 82 0.75 20.37 9.49
C LEU A 82 1.64 20.62 10.70
N GLN A 83 2.81 21.21 10.49
CA GLN A 83 3.74 21.42 11.59
C GLN A 83 3.12 22.28 12.69
N GLU A 84 2.41 23.35 12.30
CA GLU A 84 1.79 24.22 13.30
C GLU A 84 0.71 23.47 14.07
N ASN A 85 -0.23 22.85 13.36
CA ASN A 85 -1.49 22.44 13.95
C ASN A 85 -1.53 20.98 14.36
N ILE A 86 -0.56 20.16 13.94
CA ILE A 86 -0.56 18.79 14.38
C ILE A 86 -0.12 18.66 15.84
N GLY A 87 0.49 19.70 16.39
CA GLY A 87 0.91 19.71 17.77
C GLY A 87 2.19 18.91 17.98
N ASN A 88 2.70 18.99 19.21
CA ASN A 88 3.96 18.34 19.58
C ASN A 88 3.66 16.92 20.03
N GLY A 89 3.83 15.96 19.11
CA GLY A 89 3.73 14.56 19.46
C GLY A 89 4.79 13.78 18.70
N ASP A 90 4.97 12.53 19.12
CA ASP A 90 5.93 11.66 18.45
C ASP A 90 5.30 11.00 17.23
N PHE A 91 5.95 11.17 16.08
CA PHE A 91 5.52 10.59 14.82
C PHE A 91 6.58 9.63 14.33
N SER A 92 6.16 8.43 13.91
CA SER A 92 7.08 7.40 13.47
C SER A 92 7.58 7.73 12.08
N VAL A 93 8.89 7.87 11.93
CA VAL A 93 9.53 8.18 10.65
C VAL A 93 10.41 7.01 10.25
N TYR A 94 10.21 6.50 9.03
CA TYR A 94 10.99 5.41 8.47
C TYR A 94 12.02 5.96 7.50
N SER A 95 13.19 5.34 7.47
CA SER A 95 14.31 5.80 6.65
C SER A 95 14.79 4.67 5.77
N ALA A 96 15.27 5.03 4.58
CA ALA A 96 15.82 4.07 3.64
C ALA A 96 16.93 4.75 2.85
N SER A 97 18.01 4.01 2.56
CA SER A 97 19.09 4.55 1.76
C SER A 97 18.70 4.62 0.28
N THR A 98 18.04 3.57 -0.21
CA THR A 98 17.56 3.52 -1.59
C THR A 98 16.15 4.10 -1.66
N HIS A 99 15.61 4.19 -2.89
CA HIS A 99 14.23 4.60 -3.06
C HIS A 99 13.24 3.55 -2.58
N LYS A 100 13.64 2.28 -2.53
CA LYS A 100 12.75 1.23 -2.05
C LYS A 100 12.72 1.22 -0.53
N PHE A 101 11.52 1.27 0.04
CA PHE A 101 11.34 1.20 1.49
C PHE A 101 10.99 -0.22 1.87
N LEU A 102 11.85 -0.87 2.66
CA LEU A 102 11.60 -2.28 2.98
C LEU A 102 11.06 -2.36 4.40
N TYR A 103 9.75 -2.54 4.53
CA TYR A 103 9.15 -2.82 5.83
C TYR A 103 9.49 -4.22 6.27
N TYR A 104 9.71 -4.41 7.57
CA TYR A 104 9.94 -5.73 8.11
C TYR A 104 9.20 -5.85 9.43
N ASP A 105 8.61 -7.02 9.67
CA ASP A 105 7.92 -7.30 10.92
C ASP A 105 8.97 -7.67 11.95
N GLU A 106 9.17 -6.80 12.95
CA GLU A 106 10.20 -7.05 13.95
C GLU A 106 9.94 -8.33 14.74
N LYS A 107 8.66 -8.67 14.94
CA LYS A 107 8.33 -9.87 15.69
C LYS A 107 8.87 -11.12 14.99
N LYS A 108 8.85 -11.14 13.66
CA LYS A 108 9.30 -12.30 12.92
C LYS A 108 10.81 -12.35 12.72
N MET A 109 11.55 -11.31 13.13
CA MET A 109 12.99 -11.31 12.95
C MET A 109 13.68 -12.43 13.72
N ALA A 110 13.05 -12.97 14.76
CA ALA A 110 13.67 -14.04 15.52
C ALA A 110 13.84 -15.30 14.66
N ASN A 111 12.83 -15.62 13.84
CA ASN A 111 12.88 -16.85 13.06
C ASN A 111 13.99 -16.83 12.02
N PHE A 112 14.30 -15.67 11.46
CA PHE A 112 15.30 -15.53 10.40
C PHE A 112 16.44 -14.68 10.95
N GLN A 113 17.38 -15.33 11.63
CA GLN A 113 18.48 -14.61 12.27
C GLN A 113 19.38 -13.95 11.24
N ASN A 114 19.48 -14.51 10.05
CA ASN A 114 20.34 -13.96 9.01
C ASN A 114 19.72 -12.74 8.31
N PHE A 115 18.51 -12.37 8.67
CA PHE A 115 17.87 -11.19 8.09
C PHE A 115 18.53 -9.93 8.66
N LYS A 116 18.91 -9.02 7.77
CA LYS A 116 19.43 -7.72 8.15
C LYS A 116 18.48 -6.64 7.64
N PRO A 117 17.93 -5.80 8.52
CA PRO A 117 16.93 -4.83 8.09
C PRO A 117 17.54 -3.73 7.22
N ARG A 118 16.79 -3.32 6.20
CA ARG A 118 17.23 -2.26 5.29
C ARG A 118 16.47 -0.95 5.50
N SER A 119 15.53 -0.91 6.44
CA SER A 119 14.85 0.31 6.82
C SER A 119 14.93 0.46 8.34
N ASN A 120 14.93 1.71 8.80
CA ASN A 120 14.97 2.02 10.21
C ASN A 120 13.84 2.95 10.56
N ARG A 121 13.25 2.75 11.73
CA ARG A 121 12.17 3.59 12.23
C ARG A 121 12.69 4.40 13.42
N GLU A 122 12.37 5.69 13.44
CA GLU A 122 12.80 6.59 14.49
C GLU A 122 11.64 7.49 14.86
N GLU A 123 11.26 7.51 16.14
CA GLU A 123 10.20 8.37 16.61
C GLU A 123 10.74 9.78 16.85
N MET A 124 10.06 10.77 16.31
CA MET A 124 10.50 12.16 16.44
C MET A 124 9.30 13.08 16.27
N LYS A 125 9.49 14.34 16.63
CA LYS A 125 8.45 15.34 16.50
C LYS A 125 8.36 15.82 15.05
N PHE A 126 7.25 16.49 14.74
CA PHE A 126 7.00 16.88 13.35
C PHE A 126 8.04 17.87 12.85
N HIS A 127 8.48 18.80 13.72
CA HIS A 127 9.49 19.76 13.30
C HIS A 127 10.80 19.06 12.94
N GLU A 128 11.17 18.02 13.69
CA GLU A 128 12.38 17.27 13.37
C GLU A 128 12.25 16.57 12.03
N PHE A 129 11.06 16.04 11.72
CA PHE A 129 10.85 15.42 10.42
C PHE A 129 10.97 16.44 9.30
N VAL A 130 10.38 17.63 9.47
CA VAL A 130 10.45 18.65 8.42
C VAL A 130 11.90 19.09 8.22
N GLU A 131 12.62 19.35 9.32
CA GLU A 131 14.02 19.77 9.21
C GLU A 131 14.89 18.67 8.62
N LYS A 132 14.66 17.42 9.02
CA LYS A 132 15.45 16.32 8.46
C LYS A 132 15.20 16.18 6.97
N LEU A 133 13.95 16.36 6.54
CA LEU A 133 13.63 16.32 5.12
C LEU A 133 14.31 17.46 4.36
N GLN A 134 14.21 18.68 4.88
CA GLN A 134 14.88 19.81 4.24
C GLN A 134 16.40 19.64 4.24
N ASP A 135 16.94 19.10 5.33
CA ASP A 135 18.38 18.87 5.44
C ASP A 135 18.87 17.96 4.32
N ILE A 136 18.13 16.90 4.02
CA ILE A 136 18.52 15.99 2.94
C ILE A 136 18.60 16.74 1.63
N GLN A 137 17.59 17.58 1.35
CA GLN A 137 17.60 18.37 0.13
C GLN A 137 18.72 19.40 0.12
N GLN A 138 18.99 20.03 1.28
CA GLN A 138 20.08 20.99 1.37
C GLN A 138 21.42 20.33 1.09
N ARG A 139 21.65 19.14 1.64
CA ARG A 139 22.86 18.37 1.35
C ARG A 139 22.83 17.76 -0.04
N GLY A 140 21.69 17.74 -0.71
CA GLY A 140 21.56 17.00 -1.96
C GLY A 140 21.76 15.51 -1.79
N GLY A 141 21.41 14.97 -0.62
CA GLY A 141 21.70 13.59 -0.31
C GLY A 141 20.68 12.61 -0.89
N GLU A 142 20.99 11.33 -0.71
CA GLU A 142 20.17 10.22 -1.20
C GLU A 142 19.41 9.53 -0.08
N GLU A 143 19.52 10.00 1.17
CA GLU A 143 18.69 9.43 2.22
C GLU A 143 17.22 9.79 1.96
N ARG A 144 16.35 8.80 2.05
CA ARG A 144 14.92 8.98 1.84
C ARG A 144 14.16 8.68 3.12
N LEU A 145 13.05 9.38 3.32
CA LEU A 145 12.30 9.34 4.58
C LEU A 145 10.81 9.15 4.30
N TYR A 146 10.11 8.66 5.32
CA TYR A 146 8.69 8.31 5.18
C TYR A 146 8.01 8.39 6.53
N LEU A 147 7.01 9.26 6.66
CA LEU A 147 6.26 9.41 7.91
C LEU A 147 4.93 8.67 7.81
N GLN A 148 4.62 7.88 8.84
CA GLN A 148 3.39 7.09 8.88
C GLN A 148 2.84 7.19 10.30
N GLN A 149 1.69 7.86 10.46
CA GLN A 149 1.14 8.05 11.80
C GLN A 149 -0.39 8.02 11.78
N THR A 150 -0.96 7.47 12.84
CA THR A 150 -2.40 7.29 12.95
C THR A 150 -3.10 8.61 13.26
N LEU A 151 -4.28 8.79 12.68
CA LEU A 151 -5.11 9.97 12.92
C LEU A 151 -6.03 9.70 14.11
N ASN A 152 -5.58 10.12 15.29
CA ASN A 152 -6.32 9.93 16.53
C ASN A 152 -6.49 11.26 17.27
N ASP A 153 -6.94 11.20 18.53
CA ASP A 153 -7.15 12.41 19.31
C ASP A 153 -5.85 13.07 19.77
N THR A 154 -4.71 12.38 19.68
CA THR A 154 -3.44 12.97 20.11
C THR A 154 -3.02 14.16 19.26
N VAL A 155 -3.55 14.28 18.05
CA VAL A 155 -3.17 15.37 17.15
C VAL A 155 -3.83 16.67 17.61
N GLY A 156 -3.40 17.79 17.02
CA GLY A 156 -3.89 19.09 17.42
C GLY A 156 -5.34 19.33 17.01
N ARG A 157 -5.91 20.36 17.61
CA ARG A 157 -7.35 20.61 17.51
C ARG A 157 -7.75 20.91 16.07
N LYS A 158 -6.93 21.68 15.35
CA LYS A 158 -7.26 21.99 13.95
C LYS A 158 -7.22 20.74 13.07
N ILE A 159 -6.25 19.86 13.30
CA ILE A 159 -6.23 18.61 12.54
C ILE A 159 -7.44 17.76 12.90
N VAL A 160 -7.89 17.82 14.15
CA VAL A 160 -9.10 17.08 14.55
C VAL A 160 -10.31 17.61 13.78
N MET A 161 -10.44 18.94 13.65
CA MET A 161 -11.55 19.51 12.89
C MET A 161 -11.50 19.05 11.44
N ASP A 162 -10.33 19.08 10.81
CA ASP A 162 -10.20 18.58 9.45
C ASP A 162 -10.58 17.10 9.38
N PHE A 163 -10.07 16.31 10.32
CA PHE A 163 -10.34 14.87 10.33
C PHE A 163 -11.84 14.60 10.45
N LEU A 164 -12.52 15.31 11.36
CA LEU A 164 -13.96 15.16 11.50
C LEU A 164 -14.70 15.60 10.23
N GLY A 165 -14.10 16.47 9.44
CA GLY A 165 -14.67 16.92 8.18
C GLY A 165 -14.52 15.96 7.02
N PHE A 166 -13.89 14.81 7.21
CA PHE A 166 -13.86 13.83 6.13
C PHE A 166 -15.28 13.38 5.82
N ASN A 167 -15.47 12.84 4.62
CA ASN A 167 -16.80 12.38 4.20
C ASN A 167 -17.10 11.03 4.85
N TRP A 168 -17.35 11.10 6.16
CA TRP A 168 -17.67 9.90 6.92
C TRP A 168 -18.99 9.29 6.47
N ASN A 169 -19.91 10.11 5.98
CA ASN A 169 -21.18 9.59 5.47
C ASN A 169 -20.95 8.67 4.28
N TRP A 170 -20.11 9.10 3.32
CA TRP A 170 -19.87 8.26 2.14
C TRP A 170 -19.17 6.97 2.51
N ILE A 171 -18.10 7.05 3.31
CA ILE A 171 -17.31 5.86 3.59
C ILE A 171 -18.04 4.90 4.53
N ASN A 172 -18.81 5.43 5.49
CA ASN A 172 -19.60 4.56 6.36
C ASN A 172 -20.66 3.80 5.57
N LYS A 173 -21.29 4.44 4.59
CA LYS A 173 -22.22 3.72 3.73
C LYS A 173 -21.51 2.64 2.92
N GLN A 174 -20.30 2.93 2.43
CA GLN A 174 -19.54 1.92 1.71
C GLN A 174 -19.24 0.72 2.62
N GLN A 175 -18.90 0.98 3.88
CA GLN A 175 -18.66 -0.09 4.84
C GLN A 175 -19.92 -0.94 5.03
N GLY A 176 -21.07 -0.29 5.19
CA GLY A 176 -22.31 -1.04 5.39
C GLY A 176 -22.73 -1.84 4.18
N LYS A 177 -22.68 -1.22 2.99
CA LYS A 177 -23.17 -1.87 1.78
C LYS A 177 -22.37 -3.11 1.45
N ARG A 178 -21.04 -3.03 1.56
CA ARG A 178 -20.18 -4.15 1.20
C ARG A 178 -20.10 -5.21 2.30
N GLY A 179 -20.74 -4.96 3.45
CA GLY A 179 -20.69 -5.90 4.55
C GLY A 179 -19.36 -5.96 5.25
N TRP A 180 -18.47 -4.99 5.02
CA TRP A 180 -17.15 -5.03 5.61
C TRP A 180 -17.23 -4.97 7.12
N GLY A 181 -16.13 -5.31 7.76
CA GLY A 181 -16.00 -5.14 9.19
C GLY A 181 -15.63 -3.72 9.55
N GLN A 182 -14.93 -3.60 10.68
CA GLN A 182 -14.70 -2.34 11.34
C GLN A 182 -13.50 -1.61 10.75
N LEU A 183 -13.52 -0.27 10.83
CA LEU A 183 -12.37 0.52 10.41
C LEU A 183 -11.17 0.17 11.29
N THR A 184 -10.22 -0.55 10.73
CA THR A 184 -9.14 -1.12 11.51
C THR A 184 -7.94 -0.19 11.67
N SER A 185 -7.75 0.76 10.75
CA SER A 185 -6.60 1.64 10.84
C SER A 185 -6.81 2.83 9.91
N ASN A 186 -6.22 3.96 10.29
CA ASN A 186 -6.30 5.20 9.52
C ASN A 186 -4.94 5.86 9.61
N LEU A 187 -4.18 5.82 8.53
CA LEU A 187 -2.78 6.25 8.54
C LEU A 187 -2.58 7.49 7.67
N LEU A 188 -2.02 8.54 8.27
CA LEU A 188 -1.48 9.66 7.53
C LEU A 188 -0.11 9.29 6.98
N LEU A 189 0.15 9.65 5.73
CA LEU A 189 1.26 9.10 4.96
C LEU A 189 1.94 10.24 4.22
N ILE A 190 3.15 10.62 4.65
CA ILE A 190 3.90 11.72 4.05
C ILE A 190 5.24 11.18 3.57
N GLY A 191 5.56 11.40 2.29
CA GLY A 191 6.77 10.85 1.72
C GLY A 191 7.50 11.86 0.85
N MET A 192 8.69 11.45 0.44
CA MET A 192 9.55 12.23 -0.44
C MET A 192 9.40 11.76 -1.87
N GLU A 193 9.65 12.68 -2.80
CA GLU A 193 9.57 12.36 -4.22
C GLU A 193 10.52 11.21 -4.56
N GLY A 194 10.03 10.29 -5.40
CA GLY A 194 10.78 9.11 -5.78
C GLY A 194 10.64 7.92 -4.84
N ASN A 195 9.99 8.10 -3.68
CA ASN A 195 9.83 6.99 -2.75
C ASN A 195 9.00 5.88 -3.38
N VAL A 196 9.37 4.65 -3.08
CA VAL A 196 8.68 3.48 -3.60
C VAL A 196 8.35 2.55 -2.43
N THR A 197 7.08 2.19 -2.32
CA THR A 197 6.68 1.07 -1.48
C THR A 197 6.57 -0.13 -2.40
N PRO A 198 7.43 -1.14 -2.27
CA PRO A 198 7.43 -2.25 -3.23
C PRO A 198 6.14 -3.08 -3.16
N ALA A 199 5.98 -3.91 -4.18
CA ALA A 199 4.76 -4.72 -4.32
C ALA A 199 4.51 -5.55 -3.07
N HIS A 200 3.29 -5.51 -2.58
CA HIS A 200 2.86 -6.31 -1.45
C HIS A 200 1.34 -6.36 -1.49
N TYR A 201 0.76 -7.19 -0.62
CA TYR A 201 -0.68 -7.25 -0.45
C TYR A 201 -1.03 -7.12 1.02
N ASP A 202 -2.23 -6.63 1.30
CA ASP A 202 -2.74 -6.53 2.65
C ASP A 202 -3.99 -7.38 2.76
N GLU A 203 -4.27 -7.84 3.98
CA GLU A 203 -5.45 -8.66 4.22
C GLU A 203 -6.68 -7.84 4.60
N GLN A 204 -6.71 -6.56 4.22
CA GLN A 204 -7.84 -5.69 4.54
C GLN A 204 -8.27 -4.93 3.29
N GLN A 205 -9.53 -4.49 3.29
CA GLN A 205 -10.00 -3.56 2.27
C GLN A 205 -9.44 -2.17 2.53
N ASN A 206 -9.06 -1.47 1.46
CA ASN A 206 -8.38 -0.18 1.59
C ASN A 206 -9.01 0.87 0.68
N PHE A 207 -9.27 2.05 1.23
CA PHE A 207 -9.49 3.26 0.44
C PHE A 207 -8.28 4.15 0.60
N PHE A 208 -7.69 4.55 -0.51
CA PHE A 208 -6.42 5.25 -0.58
C PHE A 208 -6.75 6.66 -1.04
N ALA A 209 -6.68 7.63 -0.13
CA ALA A 209 -7.17 8.98 -0.39
C ALA A 209 -5.99 9.92 -0.60
N GLN A 210 -5.73 10.27 -1.86
CA GLN A 210 -4.59 11.10 -2.19
C GLN A 210 -4.88 12.55 -1.85
N ILE A 211 -3.87 13.23 -1.28
CA ILE A 211 -4.04 14.56 -0.72
C ILE A 211 -3.12 15.56 -1.40
N LYS A 212 -1.81 15.30 -1.38
CA LYS A 212 -0.83 16.22 -1.94
C LYS A 212 0.11 15.46 -2.85
N GLY A 213 0.35 15.99 -4.05
CA GLY A 213 1.22 15.35 -5.01
C GLY A 213 0.54 14.18 -5.70
N TYR A 214 1.33 13.48 -6.49
CA TYR A 214 0.85 12.39 -7.33
C TYR A 214 1.59 11.10 -7.01
N LYS A 215 0.83 10.01 -6.97
CA LYS A 215 1.40 8.69 -6.71
C LYS A 215 0.93 7.73 -7.80
N ARG A 216 1.87 7.00 -8.38
CA ARG A 216 1.57 5.97 -9.36
C ARG A 216 1.31 4.66 -8.61
N CYS A 217 0.13 4.09 -8.81
CA CYS A 217 -0.27 2.86 -8.14
C CYS A 217 -0.40 1.76 -9.19
N ILE A 218 0.33 0.66 -8.99
CA ILE A 218 0.34 -0.48 -9.90
C ILE A 218 -0.17 -1.68 -9.13
N LEU A 219 -1.32 -2.20 -9.53
CA LEU A 219 -2.03 -3.25 -8.81
C LEU A 219 -2.05 -4.55 -9.62
N PHE A 220 -2.03 -5.67 -8.91
CA PHE A 220 -2.05 -6.98 -9.53
C PHE A 220 -3.11 -7.83 -8.84
N PRO A 221 -3.97 -8.52 -9.59
CA PRO A 221 -5.03 -9.33 -8.99
C PRO A 221 -4.46 -10.44 -8.13
N PRO A 222 -5.25 -10.97 -7.20
CA PRO A 222 -4.75 -12.06 -6.33
C PRO A 222 -4.29 -13.31 -7.08
N ASP A 223 -4.79 -13.58 -8.29
CA ASP A 223 -4.37 -14.75 -9.06
C ASP A 223 -2.96 -14.62 -9.63
N GLN A 224 -2.30 -13.48 -9.46
CA GLN A 224 -0.91 -13.30 -9.86
C GLN A 224 0.06 -13.76 -8.78
N PHE A 225 -0.44 -14.43 -7.73
CA PHE A 225 0.41 -14.95 -6.67
C PHE A 225 1.63 -15.68 -7.23
N GLU A 226 1.42 -16.51 -8.27
CA GLU A 226 2.50 -17.33 -8.82
C GLU A 226 3.55 -16.50 -9.56
N CYS A 227 3.18 -15.32 -10.04
CA CYS A 227 4.12 -14.45 -10.75
C CYS A 227 4.87 -13.51 -9.83
N LEU A 228 4.47 -13.38 -8.56
CA LEU A 228 5.00 -12.34 -7.68
C LEU A 228 5.79 -12.86 -6.50
N TYR A 229 5.74 -14.17 -6.22
CA TYR A 229 6.66 -14.83 -5.31
C TYR A 229 6.80 -14.18 -3.93
N PRO A 230 5.72 -14.13 -3.15
CA PRO A 230 5.83 -13.58 -1.80
C PRO A 230 6.81 -14.37 -0.95
N TYR A 231 7.33 -13.69 0.07
CA TYR A 231 8.23 -14.31 1.02
C TYR A 231 7.49 -15.37 1.81
N PRO A 232 8.22 -16.27 2.47
CA PRO A 232 7.56 -17.20 3.41
C PRO A 232 6.79 -16.42 4.47
N VAL A 233 5.68 -17.01 4.91
CA VAL A 233 4.78 -16.35 5.84
C VAL A 233 5.52 -15.95 7.12
N HIS A 234 6.47 -16.78 7.56
CA HIS A 234 7.22 -16.51 8.78
C HIS A 234 8.38 -15.53 8.57
N HIS A 235 8.68 -15.16 7.33
CA HIS A 235 9.76 -14.20 7.08
C HIS A 235 9.32 -12.80 7.51
N PRO A 236 10.24 -11.97 7.97
CA PRO A 236 9.87 -10.59 8.34
C PRO A 236 9.24 -9.81 7.20
N CYS A 237 9.54 -10.14 5.95
CA CYS A 237 8.94 -9.46 4.80
C CYS A 237 7.69 -10.16 4.28
N ASP A 238 7.04 -10.96 5.12
CA ASP A 238 5.78 -11.61 4.80
C ASP A 238 4.84 -10.63 4.10
N ARG A 239 4.19 -11.12 3.04
CA ARG A 239 3.22 -10.42 2.18
C ARG A 239 3.88 -9.52 1.14
N GLN A 240 5.20 -9.41 1.12
CA GLN A 240 5.88 -8.63 0.09
C GLN A 240 6.45 -9.56 -0.99
N SER A 241 6.44 -9.05 -2.22
CA SER A 241 7.04 -9.76 -3.34
C SER A 241 8.55 -9.84 -3.18
N GLN A 242 9.12 -11.01 -3.49
CA GLN A 242 10.57 -11.17 -3.49
C GLN A 242 11.24 -10.60 -4.72
N VAL A 243 10.48 -10.24 -5.75
CA VAL A 243 11.04 -9.83 -7.03
C VAL A 243 11.45 -8.37 -6.96
N ASP A 244 12.72 -8.08 -7.23
CA ASP A 244 13.17 -6.71 -7.41
C ASP A 244 12.62 -6.19 -8.73
N PHE A 245 11.63 -5.30 -8.66
CA PHE A 245 11.04 -4.75 -9.89
C PHE A 245 12.06 -4.01 -10.75
N ASP A 246 13.13 -3.49 -10.17
CA ASP A 246 14.15 -2.80 -10.95
C ASP A 246 15.13 -3.74 -11.61
N ASN A 247 15.30 -4.96 -11.08
CA ASN A 247 16.23 -5.94 -11.63
C ASN A 247 15.67 -7.33 -11.38
N PRO A 248 14.70 -7.74 -12.19
CA PRO A 248 14.03 -9.02 -11.92
C PRO A 248 14.93 -10.20 -12.24
N ASP A 249 14.95 -11.17 -11.33
CA ASP A 249 15.76 -12.38 -11.48
C ASP A 249 14.85 -13.43 -12.09
N TYR A 250 14.85 -13.51 -13.42
CA TYR A 250 13.97 -14.42 -14.13
C TYR A 250 14.33 -15.89 -13.88
N GLU A 251 15.56 -16.16 -13.47
CA GLU A 251 15.93 -17.54 -13.13
C GLU A 251 15.28 -17.98 -11.83
N ARG A 252 15.32 -17.13 -10.80
CA ARG A 252 14.62 -17.47 -9.57
C ARG A 252 13.12 -17.31 -9.70
N PHE A 253 12.67 -16.37 -10.54
CA PHE A 253 11.26 -15.96 -10.57
C PHE A 253 10.78 -15.95 -12.02
N PRO A 254 10.72 -17.13 -12.67
CA PRO A 254 10.39 -17.15 -14.10
C PRO A 254 9.03 -16.56 -14.43
N ASN A 255 8.03 -16.76 -13.58
CA ASN A 255 6.69 -16.30 -13.91
C ASN A 255 6.50 -14.80 -13.77
N PHE A 256 7.49 -14.09 -13.22
CA PHE A 256 7.40 -12.63 -13.27
C PHE A 256 7.38 -12.11 -14.69
N GLN A 257 7.84 -12.91 -15.66
CA GLN A 257 7.76 -12.57 -17.07
C GLN A 257 6.33 -12.58 -17.59
N ASN A 258 5.37 -13.11 -16.80
CA ASN A 258 3.98 -13.17 -17.22
C ASN A 258 3.09 -12.15 -16.50
N VAL A 259 3.65 -11.33 -15.62
CA VAL A 259 2.79 -10.49 -14.78
C VAL A 259 2.23 -9.33 -15.59
N VAL A 260 0.94 -9.05 -15.40
CA VAL A 260 0.26 -7.89 -15.97
C VAL A 260 -0.45 -7.15 -14.84
N GLY A 261 -0.35 -5.83 -14.84
CA GLY A 261 -0.87 -5.00 -13.78
C GLY A 261 -1.95 -4.02 -14.25
N TYR A 262 -2.60 -3.41 -13.26
CA TYR A 262 -3.52 -2.30 -13.46
C TYR A 262 -2.86 -1.06 -12.88
N GLU A 263 -2.77 0.00 -13.67
CA GLU A 263 -1.98 1.17 -13.34
C GLU A 263 -2.85 2.41 -13.34
N THR A 264 -2.55 3.32 -12.42
CA THR A 264 -3.19 4.63 -12.42
C THR A 264 -2.26 5.60 -11.70
N VAL A 265 -2.45 6.89 -11.98
CA VAL A 265 -1.78 7.95 -11.24
C VAL A 265 -2.86 8.71 -10.48
N VAL A 266 -2.75 8.73 -9.16
CA VAL A 266 -3.73 9.42 -8.32
C VAL A 266 -3.17 10.75 -7.87
N GLY A 267 -4.01 11.79 -7.93
CA GLY A 267 -3.67 13.10 -7.43
C GLY A 267 -4.64 13.59 -6.38
N PRO A 268 -4.46 14.83 -5.92
CA PRO A 268 -5.31 15.36 -4.84
C PRO A 268 -6.79 15.27 -5.18
N GLY A 269 -7.57 14.75 -4.23
CA GLY A 269 -8.99 14.54 -4.44
C GLY A 269 -9.37 13.15 -4.91
N ASP A 270 -8.43 12.37 -5.45
CA ASP A 270 -8.76 11.03 -5.90
C ASP A 270 -8.75 10.04 -4.74
N VAL A 271 -9.62 9.03 -4.84
CA VAL A 271 -9.62 7.92 -3.92
C VAL A 271 -9.52 6.62 -4.71
N LEU A 272 -8.56 5.78 -4.36
CA LEU A 272 -8.36 4.49 -5.00
C LEU A 272 -8.83 3.40 -4.05
N TYR A 273 -9.77 2.60 -4.51
CA TYR A 273 -10.14 1.39 -3.77
C TYR A 273 -9.14 0.31 -4.14
N ILE A 274 -8.36 -0.15 -3.16
CA ILE A 274 -7.47 -1.29 -3.31
C ILE A 274 -8.14 -2.48 -2.65
N PRO A 275 -8.72 -3.41 -3.41
CA PRO A 275 -9.41 -4.56 -2.79
C PRO A 275 -8.43 -5.44 -2.03
N MET A 276 -8.95 -6.09 -0.98
CA MET A 276 -8.11 -6.92 -0.13
C MET A 276 -7.45 -8.02 -0.95
N TYR A 277 -6.19 -8.34 -0.57
CA TYR A 277 -5.38 -9.37 -1.21
C TYR A 277 -4.83 -8.95 -2.57
N TRP A 278 -5.24 -7.79 -3.07
CA TRP A 278 -4.69 -7.28 -4.33
C TRP A 278 -3.28 -6.75 -4.08
N TRP A 279 -2.34 -7.18 -4.91
CA TRP A 279 -0.98 -6.64 -4.85
C TRP A 279 -1.00 -5.18 -5.25
N HIS A 280 -0.20 -4.36 -4.58
CA HIS A 280 -0.02 -2.97 -4.98
C HIS A 280 1.42 -2.54 -4.82
N HIS A 281 1.89 -1.79 -5.81
CA HIS A 281 3.19 -1.14 -5.86
C HIS A 281 2.91 0.34 -5.99
N ILE A 282 3.39 1.14 -5.04
CA ILE A 282 3.07 2.57 -5.00
C ILE A 282 4.35 3.38 -5.03
N GLU A 283 4.44 4.35 -5.94
CA GLU A 283 5.60 5.21 -5.98
C GLU A 283 5.19 6.68 -6.07
N SER A 284 5.96 7.53 -5.41
CA SER A 284 5.77 8.97 -5.48
C SER A 284 6.53 9.50 -6.68
N LEU A 285 5.85 10.26 -7.52
CA LEU A 285 6.40 10.62 -8.82
C LEU A 285 7.74 11.33 -8.67
N LEU A 286 8.70 10.93 -9.49
CA LEU A 286 10.03 11.54 -9.46
C LEU A 286 9.92 13.03 -9.71
N ASN A 287 10.69 13.81 -8.95
CA ASN A 287 10.73 15.27 -9.09
C ASN A 287 9.36 15.92 -8.92
N GLY A 288 8.44 15.25 -8.23
CA GLY A 288 7.09 15.76 -8.06
C GLY A 288 6.79 16.38 -6.72
N GLY A 289 7.79 16.53 -5.85
CA GLY A 289 7.56 17.09 -4.53
C GLY A 289 7.11 16.04 -3.53
N ILE A 290 6.85 16.51 -2.30
CA ILE A 290 6.39 15.61 -1.26
C ILE A 290 4.98 15.14 -1.59
N THR A 291 4.62 13.95 -1.09
CA THR A 291 3.29 13.40 -1.26
C THR A 291 2.64 13.21 0.11
N ILE A 292 1.32 13.39 0.14
CA ILE A 292 0.53 13.14 1.34
C ILE A 292 -0.66 12.28 0.94
N THR A 293 -0.91 11.23 1.74
CA THR A 293 -2.02 10.33 1.53
C THR A 293 -2.59 9.96 2.89
N VAL A 294 -3.89 9.70 2.94
CA VAL A 294 -4.53 9.11 4.10
C VAL A 294 -5.19 7.81 3.67
N ASN A 295 -4.85 6.72 4.35
CA ASN A 295 -5.36 5.40 4.03
C ASN A 295 -6.41 4.99 5.06
N PHE A 296 -7.47 4.36 4.57
CA PHE A 296 -8.52 3.80 5.39
C PHE A 296 -8.53 2.29 5.16
N TRP A 297 -8.32 1.51 6.22
CA TRP A 297 -8.36 0.06 6.13
C TRP A 297 -9.55 -0.47 6.93
N TYR A 298 -10.28 -1.41 6.32
CA TYR A 298 -11.42 -2.04 6.94
C TYR A 298 -11.21 -3.55 6.95
N LYS A 299 -11.63 -4.20 8.03
CA LYS A 299 -11.63 -5.65 8.07
C LYS A 299 -12.58 -6.18 7.00
N GLY A 300 -12.22 -7.31 6.40
CA GLY A 300 -13.05 -7.88 5.36
C GLY A 300 -14.36 -8.41 5.89
N ALA A 301 -15.32 -8.54 4.97
CA ALA A 301 -16.60 -9.14 5.32
C ALA A 301 -16.41 -10.62 5.65
N PRO A 302 -17.18 -11.15 6.60
CA PRO A 302 -17.05 -12.57 6.93
C PRO A 302 -17.43 -13.44 5.75
N THR A 303 -16.74 -14.58 5.63
CA THR A 303 -17.00 -15.48 4.53
C THR A 303 -18.42 -16.03 4.65
N PRO A 304 -19.18 -16.10 3.54
CA PRO A 304 -20.51 -16.72 3.61
C PRO A 304 -20.38 -18.19 3.95
N LYS A 305 -21.29 -18.66 4.81
CA LYS A 305 -21.28 -20.06 5.20
C LYS A 305 -21.63 -20.98 4.04
N ARG A 306 -22.25 -20.46 2.98
CA ARG A 306 -22.55 -21.22 1.77
C ARG A 306 -21.38 -21.03 0.81
N ILE A 307 -20.41 -21.92 0.88
CA ILE A 307 -19.18 -21.79 0.10
C ILE A 307 -19.46 -22.14 -1.36
N GLU A 308 -19.10 -21.25 -2.26
CA GLU A 308 -19.19 -21.49 -3.70
C GLU A 308 -17.88 -22.12 -4.16
N TYR A 309 -17.95 -23.39 -4.54
CA TYR A 309 -16.78 -24.20 -4.84
C TYR A 309 -15.86 -23.87 -6.01
N PRO A 310 -16.28 -23.06 -7.02
CA PRO A 310 -15.28 -22.47 -7.91
C PRO A 310 -14.04 -22.01 -7.14
N LEU A 311 -14.26 -21.25 -6.07
CA LEU A 311 -13.25 -20.77 -5.14
C LEU A 311 -12.43 -19.64 -5.73
N LYS A 312 -12.27 -18.55 -4.99
CA LYS A 312 -11.58 -17.36 -5.47
C LYS A 312 -10.09 -17.45 -5.15
N ALA A 313 -9.31 -16.64 -5.88
CA ALA A 313 -7.87 -16.63 -5.67
C ALA A 313 -7.52 -16.18 -4.26
N HIS A 314 -8.22 -15.16 -3.74
CA HIS A 314 -7.87 -14.68 -2.40
C HIS A 314 -8.14 -15.74 -1.34
N GLN A 315 -9.16 -16.58 -1.54
CA GLN A 315 -9.40 -17.68 -0.62
C GLN A 315 -8.30 -18.73 -0.69
N LYS A 316 -7.78 -18.99 -1.90
CA LYS A 316 -6.64 -19.90 -2.02
C LYS A 316 -5.40 -19.33 -1.39
N VAL A 317 -5.23 -18.01 -1.42
CA VAL A 317 -4.13 -17.37 -0.71
C VAL A 317 -4.29 -17.56 0.80
N ALA A 318 -5.50 -17.37 1.31
CA ALA A 318 -5.73 -17.56 2.75
C ALA A 318 -5.42 -18.99 3.16
N ILE A 319 -5.81 -19.96 2.33
CA ILE A 319 -5.51 -21.37 2.64
C ILE A 319 -4.01 -21.59 2.71
N MET A 320 -3.27 -21.04 1.75
CA MET A 320 -1.82 -21.23 1.73
C MET A 320 -1.18 -20.61 2.96
N ARG A 321 -1.61 -19.40 3.35
CA ARG A 321 -1.07 -18.77 4.55
C ARG A 321 -1.33 -19.64 5.78
N ASN A 322 -2.55 -20.17 5.91
N ASN A 322 -2.56 -20.17 5.90
CA ASN A 322 -2.88 -20.97 7.08
CA ASN A 322 -2.89 -20.98 7.07
C ASN A 322 -2.04 -22.25 7.14
C ASN A 322 -2.04 -22.23 7.14
N ILE A 323 -1.81 -22.88 5.99
CA ILE A 323 -0.97 -24.07 5.97
C ILE A 323 0.45 -23.75 6.43
N GLU A 324 1.03 -22.66 5.91
CA GLU A 324 2.37 -22.28 6.34
C GLU A 324 2.42 -22.00 7.83
N LYS A 325 1.42 -21.29 8.37
CA LYS A 325 1.39 -20.99 9.80
C LYS A 325 1.26 -22.26 10.63
N MET A 326 0.30 -23.12 10.27
CA MET A 326 0.09 -24.35 11.03
C MET A 326 1.32 -25.24 10.98
N LEU A 327 1.95 -25.33 9.82
CA LEU A 327 3.13 -26.18 9.67
C LEU A 327 4.26 -25.71 10.57
N GLY A 328 4.46 -24.38 10.67
CA GLY A 328 5.49 -23.85 11.54
C GLY A 328 5.25 -24.17 13.00
N GLU A 329 4.00 -24.07 13.44
CA GLU A 329 3.67 -24.42 14.82
C GLU A 329 3.87 -25.91 15.06
N ALA A 330 3.43 -26.75 14.13
CA ALA A 330 3.46 -28.19 14.36
C ALA A 330 4.89 -28.71 14.41
N LEU A 331 5.76 -28.20 13.54
CA LEU A 331 7.16 -28.63 13.54
C LEU A 331 7.97 -28.00 14.65
N GLY A 332 7.48 -26.94 15.29
CA GLY A 332 8.20 -26.27 16.34
C GLY A 332 9.25 -25.29 15.86
N ASN A 333 9.44 -25.16 14.55
CA ASN A 333 10.48 -24.30 13.99
C ASN A 333 10.06 -23.91 12.59
N PRO A 334 9.76 -22.63 12.34
CA PRO A 334 9.32 -22.23 11.00
C PRO A 334 10.34 -22.48 9.91
N GLN A 335 11.61 -22.67 10.26
CA GLN A 335 12.63 -22.94 9.24
C GLN A 335 12.54 -24.35 8.67
N GLU A 336 11.80 -25.26 9.31
CA GLU A 336 11.57 -26.58 8.75
C GLU A 336 10.36 -26.64 7.83
N VAL A 337 9.65 -25.53 7.64
CA VAL A 337 8.48 -25.54 6.76
C VAL A 337 8.89 -25.90 5.33
N GLY A 338 9.94 -25.25 4.82
CA GLY A 338 10.41 -25.48 3.47
C GLY A 338 10.79 -26.91 3.19
N PRO A 339 11.71 -27.47 3.99
CA PRO A 339 12.07 -28.89 3.77
C PRO A 339 10.90 -29.84 3.84
N LEU A 340 9.94 -29.63 4.76
CA LEU A 340 8.81 -30.55 4.80
C LEU A 340 7.93 -30.41 3.57
N LEU A 341 7.63 -29.18 3.18
CA LEU A 341 6.86 -28.96 1.96
C LEU A 341 7.51 -29.64 0.77
N ASN A 342 8.83 -29.45 0.58
CA ASN A 342 9.54 -30.11 -0.52
C ASN A 342 9.45 -31.64 -0.41
N THR A 343 9.58 -32.18 0.81
CA THR A 343 9.39 -33.61 1.03
C THR A 343 8.01 -34.05 0.56
N MET A 344 6.99 -33.24 0.83
CA MET A 344 5.62 -33.61 0.47
C MET A 344 5.41 -33.63 -1.03
N ILE A 345 6.12 -32.79 -1.78
CA ILE A 345 5.80 -32.54 -3.17
C ILE A 345 6.68 -33.34 -4.13
N LYS A 346 7.99 -33.40 -3.86
CA LYS A 346 8.95 -33.93 -4.82
C LYS A 346 8.62 -35.37 -5.19
N GLY A 347 8.44 -35.61 -6.48
CA GLY A 347 8.13 -36.93 -6.97
C GLY A 347 6.74 -37.42 -6.67
N ARG A 348 5.90 -36.58 -6.06
CA ARG A 348 4.54 -36.94 -5.68
C ARG A 348 3.51 -36.02 -6.32
N TYR A 349 3.73 -34.71 -6.26
CA TYR A 349 2.82 -33.75 -6.87
C TYR A 349 3.46 -32.88 -7.93
N ASN A 350 4.77 -32.96 -8.13
CA ASN A 350 5.44 -32.11 -9.10
C ASN A 350 5.87 -32.88 -10.36
MN MN B . -0.53 -1.63 1.42
C10 A1IZ5 C . -0.26 -1.12 4.56
C11 A1IZ5 C . 0.05 -0.42 5.71
C12 A1IZ5 C . -0.28 -0.94 6.95
C13 A1IZ5 C . -1.52 -1.42 7.36
C14 A1IZ5 C . -1.37 -1.82 8.67
C15 A1IZ5 C . -2.33 -2.39 9.48
C16 A1IZ5 C . -3.19 -3.35 8.96
C17 A1IZ5 C . -4.14 -3.94 9.79
C18 A1IZ5 C . -4.21 -3.57 11.12
C19 A1IZ5 C . -5.26 -4.21 12.03
C21 A1IZ5 C . -3.34 -2.62 11.64
C25 A1IZ5 C . -2.40 -2.03 10.82
C02 A1IZ5 C . 1.17 3.99 -0.01
C04 A1IZ5 C . 1.90 2.70 0.26
C06 A1IZ5 C . 0.99 1.00 1.83
C08 A1IZ5 C . 0.67 0.53 3.25
C28 A1IZ5 C . 0.71 0.79 5.62
C29 A1IZ5 C . 1.03 1.28 4.37
N05 A1IZ5 C . 1.61 2.30 1.61
N09 A1IZ5 C . 0.04 -0.63 3.37
N22 A1IZ5 C . -3.43 -2.23 13.04
N26 A1IZ5 C . -0.12 -1.61 9.04
O01 A1IZ5 C . 1.72 4.87 -0.71
O03 A1IZ5 C . 0.02 4.16 0.50
O07 A1IZ5 C . 0.75 0.31 0.90
O20 A1IZ5 C . -5.20 -5.60 11.84
O23 A1IZ5 C . -2.78 -2.80 13.84
O24 A1IZ5 C . -4.14 -1.35 13.35
O27 A1IZ5 C . 0.57 -1.07 8.00
O30 A1IZ5 C . 1.69 2.51 4.28
#